data_7OLI
#
_entry.id   7OLI
#
_cell.length_a   131.063
_cell.length_b   47.202
_cell.length_c   91.271
_cell.angle_alpha   90.000
_cell.angle_beta   100.800
_cell.angle_gamma   90.000
#
_symmetry.space_group_name_H-M   'C 1 2 1'
#
loop_
_entity.id
_entity.type
_entity.pdbx_description
1 polymer 'N-glycosylase/DNA lyase'
2 non-polymer "2'-DEOXY-8-OXOGUANOSINE"
3 non-polymer 1,2-ETHANEDIOL
4 water water
#
_entity_poly.entity_id   1
_entity_poly.type   'polypeptide(L)'
_entity_poly.pdbx_seq_one_letter_code
;GSHMIARIIGEIGIEGARFIEENIDEQFKALRYLSKGIDSETFVKLVIANSLVSYQLTGKGEQWWWEFAKYFYGRDVKSI
YLAYKEFLPNSRFNRRLIPQKLSRIRRVETFLSTLTEERIEEYYGDMSSLWGSIARALGVDKESKTVVFSVKMFGYAARI
VLSTFNPYPMEIPIPEDSRIVKLTKKLTNEKPRKFWMKIARESGVPPLHIDSILWPLLGGASIDSAPPELRDKLAELIKI
IR
;
_entity_poly.pdbx_strand_id   A,B
#
# COMPACT_ATOMS: atom_id res chain seq x y z
N GLY A 1 -5.71 -7.53 41.52
CA GLY A 1 -6.73 -8.45 41.05
C GLY A 1 -7.58 -7.86 39.94
N SER A 2 -8.76 -8.45 39.71
CA SER A 2 -9.64 -8.05 38.61
C SER A 2 -9.97 -6.56 38.67
N HIS A 3 -10.40 -6.08 39.84
CA HIS A 3 -10.83 -4.69 39.95
C HIS A 3 -9.70 -3.73 39.63
N MET A 4 -8.56 -3.91 40.30
CA MET A 4 -7.45 -2.99 40.07
C MET A 4 -6.89 -3.10 38.66
N ILE A 5 -6.87 -4.32 38.08
CA ILE A 5 -6.31 -4.38 36.74
C ILE A 5 -7.28 -3.76 35.73
N ALA A 6 -8.59 -3.87 35.93
CA ALA A 6 -9.51 -3.23 34.97
C ALA A 6 -9.40 -1.71 35.04
N ARG A 7 -9.25 -1.16 36.25
CA ARG A 7 -9.03 0.28 36.39
C ARG A 7 -7.79 0.74 35.61
N ILE A 8 -6.66 0.04 35.79
CA ILE A 8 -5.42 0.50 35.16
C ILE A 8 -5.49 0.27 33.65
N ILE A 9 -6.10 -0.83 33.22
CA ILE A 9 -6.26 -1.03 31.79
C ILE A 9 -7.14 0.06 31.20
N GLY A 10 -8.20 0.44 31.91
CA GLY A 10 -9.04 1.54 31.46
C GLY A 10 -8.27 2.85 31.34
N GLU A 11 -7.39 3.15 32.32
CA GLU A 11 -6.63 4.39 32.26
C GLU A 11 -5.62 4.39 31.11
N ILE A 12 -4.98 3.23 30.88
CA ILE A 12 -4.10 3.05 29.70
C ILE A 12 -4.90 3.25 28.41
N GLY A 13 -6.04 2.58 28.27
CA GLY A 13 -6.98 2.87 27.18
C GLY A 13 -6.53 2.28 25.84
N ILE A 14 -7.42 2.37 24.85
CA ILE A 14 -7.02 1.98 23.48
C ILE A 14 -5.86 2.85 23.03
N GLU A 15 -5.84 4.12 23.45
CA GLU A 15 -4.74 5.01 23.13
C GLU A 15 -3.41 4.44 23.57
N GLY A 16 -3.34 3.96 24.82
CA GLY A 16 -2.12 3.39 25.33
C GLY A 16 -1.79 2.06 24.66
N ALA A 17 -2.82 1.25 24.42
CA ALA A 17 -2.57 -0.01 23.71
C ALA A 17 -1.99 0.27 22.33
N ARG A 18 -2.53 1.27 21.65
CA ARG A 18 -2.04 1.57 20.31
C ARG A 18 -0.59 2.07 20.35
N PHE A 19 -0.26 2.91 21.34
CA PHE A 19 1.12 3.32 21.48
C PHE A 19 2.03 2.10 21.64
N ILE A 20 1.66 1.16 22.51
CA ILE A 20 2.49 -0.02 22.73
C ILE A 20 2.63 -0.79 21.42
N GLU A 21 1.51 -1.02 20.72
CA GLU A 21 1.56 -1.75 19.45
C GLU A 21 2.55 -1.11 18.49
N GLU A 22 2.44 0.21 18.30
CA GLU A 22 3.14 0.88 17.22
C GLU A 22 4.52 1.40 17.63
N ASN A 23 4.90 1.29 18.91
CA ASN A 23 6.18 1.85 19.34
C ASN A 23 7.03 0.88 20.16
N ILE A 24 6.40 -0.07 20.86
CA ILE A 24 7.13 -0.94 21.78
C ILE A 24 7.20 -2.37 21.26
N ASP A 25 6.10 -2.91 20.73
CA ASP A 25 6.03 -4.31 20.32
C ASP A 25 6.99 -4.59 19.16
N GLU A 26 8.01 -5.40 19.41
CA GLU A 26 8.96 -5.75 18.35
C GLU A 26 8.28 -6.40 17.16
N GLN A 27 7.11 -7.02 17.36
CA GLN A 27 6.45 -7.67 16.22
C GLN A 27 5.96 -6.63 15.21
N PHE A 28 5.50 -5.48 15.68
CA PHE A 28 5.11 -4.44 14.75
C PHE A 28 6.33 -3.90 14.02
N LYS A 29 7.46 -3.72 14.74
CA LYS A 29 8.69 -3.28 14.10
C LYS A 29 9.10 -4.25 12.99
N ALA A 30 8.97 -5.55 13.24
CA ALA A 30 9.29 -6.56 12.23
C ALA A 30 8.36 -6.41 11.02
N LEU A 31 7.06 -6.25 11.27
CA LEU A 31 6.13 -6.03 10.17
C LEU A 31 6.45 -4.76 9.40
N ARG A 32 6.77 -3.64 10.09
CA ARG A 32 7.10 -2.43 9.34
CA ARG A 32 7.13 -2.42 9.37
C ARG A 32 8.28 -2.69 8.41
N TYR A 33 9.28 -3.44 8.88
CA TYR A 33 10.44 -3.74 8.07
C TYR A 33 10.05 -4.54 6.84
N LEU A 34 9.22 -5.58 7.02
CA LEU A 34 8.82 -6.43 5.90
C LEU A 34 7.99 -5.65 4.87
N SER A 35 7.13 -4.75 5.36
CA SER A 35 6.26 -3.96 4.49
C SER A 35 7.05 -3.16 3.44
N LYS A 36 8.32 -2.83 3.73
CA LYS A 36 9.15 -2.08 2.80
C LYS A 36 9.87 -2.94 1.79
N GLY A 37 9.65 -4.26 1.81
CA GLY A 37 10.36 -5.10 0.86
C GLY A 37 9.51 -6.16 0.18
N ILE A 38 8.18 -6.02 0.24
CA ILE A 38 7.28 -6.91 -0.49
C ILE A 38 5.99 -6.13 -0.73
N ASP A 39 5.26 -6.51 -1.79
CA ASP A 39 4.06 -5.75 -2.15
C ASP A 39 3.00 -5.93 -1.07
N SER A 40 2.03 -4.98 -1.02
CA SER A 40 1.13 -4.91 0.14
C SER A 40 0.24 -6.14 0.25
N GLU A 41 -0.26 -6.62 -0.89
CA GLU A 41 -1.20 -7.75 -0.81
C GLU A 41 -0.49 -8.98 -0.29
N THR A 42 0.69 -9.28 -0.84
CA THR A 42 1.47 -10.41 -0.36
C THR A 42 1.85 -10.24 1.10
N PHE A 43 2.26 -9.04 1.49
CA PHE A 43 2.58 -8.75 2.89
C PHE A 43 1.44 -9.17 3.81
N VAL A 44 0.20 -8.75 3.50
CA VAL A 44 -0.91 -9.08 4.39
C VAL A 44 -1.20 -10.56 4.40
N LYS A 45 -1.22 -11.19 3.21
CA LYS A 45 -1.40 -12.64 3.14
C LYS A 45 -0.37 -13.38 3.99
N LEU A 46 0.90 -12.99 3.89
CA LEU A 46 1.97 -13.65 4.63
C LEU A 46 1.82 -13.47 6.14
N VAL A 47 1.38 -12.28 6.55
CA VAL A 47 1.19 -12.06 8.00
C VAL A 47 0.09 -12.98 8.55
N ILE A 48 -1.02 -13.14 7.81
CA ILE A 48 -2.08 -14.02 8.30
C ILE A 48 -1.57 -15.46 8.36
N ALA A 49 -0.94 -15.93 7.28
CA ALA A 49 -0.41 -17.29 7.27
C ALA A 49 0.60 -17.49 8.39
N ASN A 50 1.47 -16.51 8.62
CA ASN A 50 2.47 -16.65 9.68
C ASN A 50 1.83 -16.76 11.06
N SER A 51 0.79 -15.95 11.31
CA SER A 51 0.05 -16.06 12.57
C SER A 51 -0.50 -17.45 12.79
N LEU A 52 -1.04 -18.06 11.74
CA LEU A 52 -1.73 -19.33 11.95
C LEU A 52 -0.74 -20.46 12.21
N VAL A 53 0.56 -20.20 12.05
CA VAL A 53 1.54 -21.23 12.38
C VAL A 53 2.49 -20.77 13.48
N SER A 54 2.09 -19.71 14.19
CA SER A 54 2.89 -19.18 15.31
C SER A 54 2.50 -19.89 16.62
N TYR A 55 2.84 -21.16 16.69
CA TYR A 55 2.62 -21.91 17.92
C TYR A 55 3.63 -23.04 17.98
N GLN A 56 3.81 -23.59 19.19
CA GLN A 56 4.84 -24.60 19.43
C GLN A 56 6.16 -24.19 18.78
N LEU A 57 6.54 -22.94 19.05
CA LEU A 57 7.78 -22.35 18.56
C LEU A 57 8.96 -22.77 19.43
N THR A 58 10.16 -22.38 19.01
CA THR A 58 11.32 -22.43 19.89
C THR A 58 11.80 -21.02 20.19
N GLY A 59 12.28 -20.81 21.41
CA GLY A 59 12.81 -19.50 21.74
C GLY A 59 11.67 -18.53 21.97
N LYS A 60 11.78 -17.34 21.42
CA LYS A 60 10.87 -16.26 21.79
C LYS A 60 10.06 -15.81 20.59
N GLY A 61 8.76 -15.57 20.81
CA GLY A 61 7.90 -15.18 19.71
C GLY A 61 8.44 -13.98 18.95
N GLU A 62 9.03 -13.01 19.67
CA GLU A 62 9.53 -11.82 18.99
C GLU A 62 10.65 -12.15 18.04
N GLN A 63 11.49 -13.15 18.38
CA GLN A 63 12.57 -13.56 17.48
C GLN A 63 12.01 -14.20 16.23
N TRP A 64 10.95 -15.00 16.39
CA TRP A 64 10.29 -15.65 15.28
C TRP A 64 9.70 -14.64 14.32
N TRP A 65 9.03 -13.62 14.84
CA TRP A 65 8.47 -12.63 13.91
C TRP A 65 9.57 -11.86 13.17
N TRP A 66 10.72 -11.60 13.82
CA TRP A 66 11.83 -10.96 13.11
C TRP A 66 12.43 -11.90 12.07
N GLU A 67 12.51 -13.20 12.40
CA GLU A 67 13.03 -14.14 11.41
C GLU A 67 12.15 -14.16 10.16
N PHE A 68 10.84 -14.20 10.37
CA PHE A 68 9.86 -14.14 9.29
C PHE A 68 10.04 -12.89 8.43
N ALA A 69 10.17 -11.73 9.08
CA ALA A 69 10.30 -10.48 8.32
C ALA A 69 11.60 -10.43 7.53
N LYS A 70 12.72 -10.82 8.14
CA LYS A 70 13.99 -10.78 7.43
C LYS A 70 14.03 -11.80 6.29
N TYR A 71 13.31 -12.91 6.45
CA TYR A 71 13.32 -13.95 5.43
C TYR A 71 12.55 -13.49 4.19
N PHE A 72 11.36 -12.93 4.38
CA PHE A 72 10.53 -12.63 3.22
C PHE A 72 10.86 -11.30 2.56
N TYR A 73 11.61 -10.42 3.24
CA TYR A 73 12.05 -9.17 2.64
C TYR A 73 12.74 -9.43 1.31
N GLY A 74 12.18 -8.86 0.24
CA GLY A 74 12.78 -8.99 -1.07
C GLY A 74 12.51 -10.30 -1.81
N ARG A 75 11.68 -11.20 -1.28
CA ARG A 75 11.45 -12.49 -1.94
C ARG A 75 10.28 -12.42 -2.91
N ASP A 76 10.34 -13.27 -3.93
CA ASP A 76 9.29 -13.37 -4.94
C ASP A 76 8.41 -14.55 -4.53
N VAL A 77 7.25 -14.25 -3.95
CA VAL A 77 6.34 -15.25 -3.40
C VAL A 77 5.18 -15.45 -4.35
N LYS A 78 4.92 -16.71 -4.71
CA LYS A 78 3.72 -17.05 -5.45
C LYS A 78 2.86 -17.85 -4.49
N SER A 79 2.90 -19.17 -4.53
CA SER A 79 2.15 -19.96 -3.57
C SER A 79 2.66 -19.69 -2.16
N ILE A 80 1.74 -19.27 -1.29
CA ILE A 80 2.14 -19.11 0.10
C ILE A 80 2.44 -20.48 0.72
N TYR A 81 1.69 -21.50 0.34
CA TYR A 81 1.99 -22.85 0.80
C TYR A 81 3.40 -23.27 0.43
N LEU A 82 3.79 -23.07 -0.83
CA LEU A 82 5.12 -23.49 -1.24
C LEU A 82 6.19 -22.66 -0.56
N ALA A 83 5.90 -21.38 -0.30
CA ALA A 83 6.86 -20.53 0.38
C ALA A 83 7.10 -21.03 1.80
N TYR A 84 6.05 -21.47 2.49
CA TYR A 84 6.25 -21.99 3.83
C TYR A 84 6.85 -23.38 3.83
N LYS A 85 6.60 -24.17 2.77
CA LYS A 85 7.22 -25.49 2.68
C LYS A 85 8.74 -25.37 2.58
N GLU A 86 9.25 -24.30 1.96
CA GLU A 86 10.69 -24.06 1.88
C GLU A 86 11.22 -23.29 3.10
N PHE A 87 10.38 -22.44 3.69
CA PHE A 87 10.84 -21.60 4.79
C PHE A 87 10.95 -22.40 6.09
N LEU A 88 9.88 -23.08 6.48
CA LEU A 88 9.82 -23.63 7.84
C LEU A 88 10.92 -24.63 8.14
N PRO A 89 11.28 -25.57 7.27
CA PRO A 89 12.35 -26.52 7.62
C PRO A 89 13.69 -25.84 7.81
N ASN A 90 13.88 -24.66 7.24
CA ASN A 90 15.10 -23.90 7.40
C ASN A 90 15.01 -22.87 8.52
N SER A 91 13.86 -22.82 9.21
CA SER A 91 13.67 -21.90 10.33
C SER A 91 14.51 -22.27 11.54
N ARG A 92 14.96 -21.24 12.25
CA ARG A 92 15.56 -21.46 13.56
C ARG A 92 14.49 -21.58 14.65
N PHE A 93 13.39 -20.85 14.52
CA PHE A 93 12.47 -20.68 15.63
C PHE A 93 11.15 -21.40 15.45
N ASN A 94 10.95 -22.07 14.31
CA ASN A 94 9.68 -22.76 14.08
C ASN A 94 9.98 -24.12 13.46
N ARG A 95 10.27 -25.09 14.31
CA ARG A 95 10.75 -26.38 13.82
C ARG A 95 9.87 -27.57 14.18
N ARG A 96 8.87 -27.41 15.05
CA ARG A 96 8.02 -28.52 15.45
C ARG A 96 6.67 -28.48 14.74
N LEU A 97 6.06 -29.67 14.62
CA LEU A 97 4.71 -29.82 14.07
CA LEU A 97 4.71 -29.82 14.07
C LEU A 97 4.61 -29.18 12.69
N ILE A 98 5.64 -29.38 11.87
CA ILE A 98 5.69 -28.67 10.61
C ILE A 98 4.66 -29.21 9.62
N PRO A 99 4.48 -30.52 9.46
CA PRO A 99 3.38 -30.97 8.60
C PRO A 99 2.01 -30.48 9.06
N GLN A 100 1.76 -30.41 10.38
CA GLN A 100 0.47 -29.89 10.84
C GLN A 100 0.30 -28.43 10.46
N LYS A 101 1.34 -27.64 10.65
CA LYS A 101 1.28 -26.23 10.32
C LYS A 101 1.10 -26.05 8.82
N LEU A 102 1.79 -26.85 8.03
CA LEU A 102 1.69 -26.69 6.58
C LEU A 102 0.30 -27.08 6.08
N SER A 103 -0.36 -28.05 6.73
CA SER A 103 -1.70 -28.38 6.26
C SER A 103 -2.68 -27.28 6.60
N ARG A 104 -2.43 -26.53 7.68
CA ARG A 104 -3.25 -25.35 7.97
C ARG A 104 -3.07 -24.28 6.89
N ILE A 105 -1.83 -24.06 6.44
CA ILE A 105 -1.62 -23.06 5.40
C ILE A 105 -2.27 -23.51 4.10
N ARG A 106 -2.16 -24.79 3.76
CA ARG A 106 -2.81 -25.29 2.56
C ARG A 106 -4.30 -25.01 2.59
N ARG A 107 -4.93 -25.16 3.77
CA ARG A 107 -6.37 -25.05 3.87
C ARG A 107 -6.86 -23.62 3.68
N VAL A 108 -6.05 -22.61 4.08
CA VAL A 108 -6.47 -21.22 3.98
C VAL A 108 -5.96 -20.54 2.72
N GLU A 109 -5.23 -21.25 1.88
CA GLU A 109 -4.64 -20.65 0.69
C GLU A 109 -5.70 -20.02 -0.21
N THR A 110 -6.84 -20.68 -0.41
CA THR A 110 -7.87 -20.10 -1.27
C THR A 110 -8.41 -18.80 -0.68
N PHE A 111 -8.71 -18.81 0.63
CA PHE A 111 -9.12 -17.58 1.29
C PHE A 111 -8.10 -16.47 1.12
N LEU A 112 -6.81 -16.78 1.32
CA LEU A 112 -5.78 -15.74 1.25
C LEU A 112 -5.74 -15.12 -0.15
N SER A 113 -6.04 -15.92 -1.16
CA SER A 113 -6.03 -15.42 -2.53
C SER A 113 -7.13 -14.38 -2.78
N THR A 114 -8.11 -14.22 -1.88
CA THR A 114 -9.13 -13.21 -2.08
C THR A 114 -8.71 -11.84 -1.58
N LEU A 115 -7.55 -11.75 -0.92
CA LEU A 115 -7.14 -10.52 -0.23
C LEU A 115 -6.47 -9.56 -1.21
N THR A 116 -7.27 -9.07 -2.16
CA THR A 116 -6.87 -7.88 -2.89
C THR A 116 -6.79 -6.67 -1.95
N GLU A 117 -6.13 -5.61 -2.42
CA GLU A 117 -6.00 -4.43 -1.60
C GLU A 117 -7.37 -3.85 -1.26
N GLU A 118 -8.31 -3.87 -2.23
CA GLU A 118 -9.67 -3.42 -1.97
C GLU A 118 -10.33 -4.26 -0.88
N ARG A 119 -10.15 -5.59 -0.93
CA ARG A 119 -10.78 -6.47 0.06
C ARG A 119 -10.10 -6.33 1.41
N ILE A 120 -8.79 -6.06 1.43
CA ILE A 120 -8.10 -5.85 2.70
C ILE A 120 -8.64 -4.62 3.39
N GLU A 121 -8.85 -3.55 2.62
CA GLU A 121 -9.51 -2.35 3.17
C GLU A 121 -10.86 -2.69 3.78
N GLU A 122 -11.68 -3.47 3.07
CA GLU A 122 -13.02 -3.79 3.56
C GLU A 122 -12.94 -4.59 4.86
N TYR A 123 -12.02 -5.56 4.92
CA TYR A 123 -11.89 -6.35 6.14
C TYR A 123 -11.39 -5.52 7.32
N TYR A 124 -10.50 -4.53 7.10
CA TYR A 124 -10.05 -3.76 8.24
C TYR A 124 -11.18 -2.92 8.81
N GLY A 125 -12.12 -2.54 7.95
CA GLY A 125 -13.37 -1.91 8.39
C GLY A 125 -14.40 -2.86 8.98
N ASP A 126 -14.18 -4.18 8.91
CA ASP A 126 -15.12 -5.15 9.42
C ASP A 126 -14.34 -6.39 9.88
N MET A 127 -13.54 -6.21 10.93
CA MET A 127 -12.70 -7.34 11.35
C MET A 127 -13.48 -8.53 11.90
N SER A 128 -14.71 -8.33 12.39
CA SER A 128 -15.52 -9.48 12.78
C SER A 128 -15.81 -10.38 11.59
N SER A 129 -16.02 -9.78 10.40
CA SER A 129 -16.26 -10.63 9.24
CA SER A 129 -16.25 -10.62 9.23
C SER A 129 -15.00 -11.40 8.86
N LEU A 130 -13.83 -10.75 8.97
CA LEU A 130 -12.58 -11.45 8.71
C LEU A 130 -12.40 -12.63 9.68
N TRP A 131 -12.71 -12.39 10.95
CA TRP A 131 -12.58 -13.40 12.00
C TRP A 131 -13.33 -14.68 11.64
N GLY A 132 -14.61 -14.56 11.26
CA GLY A 132 -15.35 -15.71 10.81
C GLY A 132 -14.83 -16.33 9.51
N SER A 133 -14.36 -15.49 8.58
CA SER A 133 -13.86 -16.00 7.31
C SER A 133 -12.63 -16.85 7.51
N ILE A 134 -11.71 -16.40 8.38
CA ILE A 134 -10.53 -17.19 8.69
C ILE A 134 -10.92 -18.49 9.39
N ALA A 135 -11.77 -18.41 10.41
CA ALA A 135 -12.21 -19.63 11.12
C ALA A 135 -12.85 -20.63 10.15
N ARG A 136 -13.70 -20.15 9.24
CA ARG A 136 -14.40 -21.06 8.34
C ARG A 136 -13.44 -21.67 7.35
N ALA A 137 -12.48 -20.89 6.85
CA ALA A 137 -11.52 -21.44 5.90
C ALA A 137 -10.66 -22.51 6.57
N LEU A 138 -10.32 -22.30 7.83
CA LEU A 138 -9.55 -23.30 8.58
C LEU A 138 -10.36 -24.50 9.01
N GLY A 139 -11.68 -24.36 9.13
CA GLY A 139 -12.47 -25.47 9.65
C GLY A 139 -12.38 -25.60 11.15
N VAL A 140 -12.16 -24.50 11.88
CA VAL A 140 -12.01 -24.55 13.32
C VAL A 140 -12.96 -23.56 13.98
N ASP A 141 -13.13 -23.73 15.28
CA ASP A 141 -13.85 -22.76 16.10
C ASP A 141 -13.14 -21.41 16.07
N LYS A 142 -13.92 -20.34 15.92
CA LYS A 142 -13.33 -19.01 15.84
C LYS A 142 -12.65 -18.59 17.14
N GLU A 143 -13.01 -19.21 18.28
CA GLU A 143 -12.41 -18.87 19.55
C GLU A 143 -10.95 -19.34 19.68
N SER A 144 -10.48 -20.19 18.77
CA SER A 144 -9.13 -20.73 18.78
C SER A 144 -8.07 -19.64 18.90
N LYS A 145 -7.05 -19.88 19.73
CA LYS A 145 -6.05 -18.85 20.00
C LYS A 145 -5.38 -18.33 18.73
N THR A 146 -5.01 -19.22 17.79
CA THR A 146 -4.30 -18.72 16.62
C THR A 146 -5.22 -17.93 15.69
N VAL A 147 -6.51 -18.28 15.66
CA VAL A 147 -7.45 -17.53 14.81
C VAL A 147 -7.63 -16.11 15.33
N VAL A 148 -7.94 -15.95 16.61
CA VAL A 148 -8.08 -14.57 17.10
C VAL A 148 -6.75 -13.83 16.97
N PHE A 149 -5.63 -14.53 17.18
CA PHE A 149 -4.34 -13.89 17.02
C PHE A 149 -4.11 -13.41 15.58
N SER A 150 -4.51 -14.22 14.60
CA SER A 150 -4.34 -13.80 13.21
C SER A 150 -5.11 -12.53 12.89
N VAL A 151 -6.25 -12.30 13.57
CA VAL A 151 -6.98 -11.04 13.36
C VAL A 151 -6.17 -9.89 13.92
N LYS A 152 -5.56 -10.09 15.10
CA LYS A 152 -4.71 -9.03 15.65
C LYS A 152 -3.57 -8.69 14.69
N MET A 153 -2.90 -9.70 14.17
CA MET A 153 -1.75 -9.43 13.31
C MET A 153 -2.20 -8.86 11.95
N PHE A 154 -3.34 -9.30 11.44
CA PHE A 154 -3.92 -8.61 10.29
C PHE A 154 -4.06 -7.12 10.58
N GLY A 155 -4.55 -6.76 11.78
CA GLY A 155 -4.68 -5.34 12.11
C GLY A 155 -3.36 -4.59 12.19
N TYR A 156 -2.28 -5.26 12.61
CA TYR A 156 -0.96 -4.64 12.49
C TYR A 156 -0.63 -4.37 11.02
N ALA A 157 -0.75 -5.41 10.18
CA ALA A 157 -0.33 -5.27 8.79
C ALA A 157 -1.21 -4.27 8.07
N ALA A 158 -2.52 -4.34 8.33
CA ALA A 158 -3.44 -3.50 7.57
C ALA A 158 -3.25 -2.03 7.91
N ARG A 159 -3.00 -1.69 9.19
CA ARG A 159 -2.81 -0.28 9.52
C ARG A 159 -1.54 0.27 8.86
N ILE A 160 -0.53 -0.58 8.70
CA ILE A 160 0.67 -0.19 7.97
C ILE A 160 0.34 0.05 6.50
N VAL A 161 -0.40 -0.87 5.86
CA VAL A 161 -0.67 -0.75 4.42
C VAL A 161 -1.62 0.42 4.15
N LEU A 162 -2.64 0.57 4.98
CA LEU A 162 -3.76 1.46 4.70
C LEU A 162 -3.59 2.84 5.33
N SER A 163 -2.64 3.03 6.25
CA SER A 163 -2.37 4.34 6.86
C SER A 163 -3.60 4.86 7.60
N THR A 164 -4.28 3.94 8.28
CA THR A 164 -5.41 4.29 9.12
C THR A 164 -5.48 3.28 10.24
N PHE A 165 -6.17 3.65 11.31
CA PHE A 165 -6.31 2.80 12.49
C PHE A 165 -7.78 2.52 12.73
N ASN A 166 -8.12 1.23 12.87
CA ASN A 166 -9.45 0.85 13.37
C ASN A 166 -9.25 0.00 14.60
N PRO A 167 -9.98 0.22 15.69
CA PRO A 167 -9.80 -0.66 16.85
C PRO A 167 -10.34 -2.07 16.60
N TYR A 168 -9.71 -3.04 17.28
CA TYR A 168 -10.23 -4.41 17.25
C TYR A 168 -11.65 -4.45 17.84
N PRO A 169 -12.53 -5.29 17.28
CA PRO A 169 -13.88 -5.44 17.82
C PRO A 169 -13.85 -5.97 19.24
N MET A 170 -14.76 -5.42 20.07
CA MET A 170 -14.82 -5.84 21.47
C MET A 170 -15.11 -7.32 21.59
N GLU A 171 -15.82 -7.91 20.63
CA GLU A 171 -16.29 -9.28 20.79
C GLU A 171 -15.20 -10.32 20.53
N ILE A 172 -14.03 -9.93 19.99
CA ILE A 172 -12.99 -10.92 19.70
C ILE A 172 -12.19 -11.17 20.97
N PRO A 173 -12.16 -12.39 21.49
CA PRO A 173 -11.51 -12.65 22.78
C PRO A 173 -9.99 -12.70 22.69
N ILE A 174 -9.37 -12.76 23.86
CA ILE A 174 -7.91 -12.63 23.97
C ILE A 174 -7.28 -13.93 23.47
N PRO A 175 -6.10 -13.90 22.85
CA PRO A 175 -5.45 -15.16 22.43
C PRO A 175 -4.81 -15.86 23.62
N GLU A 176 -5.26 -17.08 23.94
CA GLU A 176 -4.86 -17.78 25.17
C GLU A 176 -3.58 -18.59 24.95
N ASP A 177 -2.48 -17.87 24.80
CA ASP A 177 -1.15 -18.49 24.74
C ASP A 177 -0.58 -18.70 26.14
N SER A 178 0.65 -19.23 26.22
CA SER A 178 1.23 -19.49 27.52
C SER A 178 1.41 -18.21 28.35
N ARG A 179 1.72 -17.07 27.72
CA ARG A 179 1.92 -15.84 28.49
C ARG A 179 0.62 -15.39 29.13
N ILE A 180 -0.46 -15.31 28.34
CA ILE A 180 -1.75 -14.90 28.88
C ILE A 180 -2.30 -15.92 29.88
N VAL A 181 -2.21 -17.22 29.59
CA VAL A 181 -2.79 -18.19 30.51
C VAL A 181 -2.03 -18.18 31.84
N LYS A 182 -0.68 -18.12 31.80
CA LYS A 182 0.06 -18.13 33.07
C LYS A 182 -0.26 -16.90 33.91
N LEU A 183 -0.42 -15.73 33.26
CA LEU A 183 -0.76 -14.55 34.02
C LEU A 183 -2.15 -14.68 34.62
N THR A 184 -3.08 -15.23 33.85
CA THR A 184 -4.47 -15.31 34.28
C THR A 184 -4.59 -16.15 35.54
N LYS A 185 -3.78 -17.21 35.62
CA LYS A 185 -3.80 -18.09 36.79
C LYS A 185 -3.33 -17.37 38.06
N LYS A 186 -2.36 -16.45 37.94
CA LYS A 186 -1.91 -15.65 39.07
C LYS A 186 -3.03 -14.75 39.60
N LEU A 187 -3.98 -14.42 38.75
CA LEU A 187 -4.98 -13.41 39.06
C LEU A 187 -6.30 -14.00 39.48
N THR A 188 -6.62 -15.21 39.03
CA THR A 188 -7.97 -15.73 39.15
C THR A 188 -7.98 -17.21 38.84
N ASN A 189 -9.05 -17.88 39.31
CA ASN A 189 -9.37 -19.23 38.89
C ASN A 189 -10.32 -19.29 37.69
N GLU A 190 -10.88 -18.15 37.28
CA GLU A 190 -11.73 -18.08 36.09
C GLU A 190 -10.97 -18.46 34.83
N LYS A 191 -11.69 -19.01 33.86
CA LYS A 191 -11.10 -19.27 32.56
C LYS A 191 -10.71 -17.93 31.93
N PRO A 192 -9.59 -17.89 31.20
CA PRO A 192 -9.10 -16.59 30.72
C PRO A 192 -10.09 -15.89 29.80
N ARG A 193 -10.87 -16.65 29.02
CA ARG A 193 -11.76 -16.02 28.05
C ARG A 193 -12.77 -15.13 28.76
N LYS A 194 -13.50 -15.70 29.72
CA LYS A 194 -14.48 -14.93 30.49
C LYS A 194 -13.79 -13.82 31.28
N PHE A 195 -12.64 -14.12 31.89
CA PHE A 195 -11.99 -13.13 32.74
C PHE A 195 -11.63 -11.88 31.95
N TRP A 196 -10.96 -12.06 30.83
CA TRP A 196 -10.47 -10.90 30.10
C TRP A 196 -11.58 -10.21 29.32
N MET A 197 -12.64 -10.93 28.95
CA MET A 197 -13.77 -10.23 28.36
C MET A 197 -14.45 -9.32 29.38
N LYS A 198 -14.52 -9.74 30.66
CA LYS A 198 -15.15 -8.86 31.64
C LYS A 198 -14.31 -7.61 31.84
N ILE A 199 -13.01 -7.78 31.87
CA ILE A 199 -12.11 -6.64 32.01
C ILE A 199 -12.20 -5.73 30.79
N ALA A 200 -12.29 -6.33 29.60
CA ALA A 200 -12.41 -5.57 28.37
C ALA A 200 -13.67 -4.71 28.37
N ARG A 201 -14.82 -5.32 28.71
CA ARG A 201 -16.08 -4.58 28.72
C ARG A 201 -16.08 -3.48 29.79
N GLU A 202 -15.53 -3.76 30.98
CA GLU A 202 -15.50 -2.74 32.02
C GLU A 202 -14.58 -1.59 31.63
N SER A 203 -13.41 -1.91 31.05
CA SER A 203 -12.41 -0.89 30.73
C SER A 203 -12.65 -0.19 29.40
N GLY A 204 -13.43 -0.78 28.50
CA GLY A 204 -13.56 -0.23 27.17
C GLY A 204 -12.43 -0.57 26.23
N VAL A 205 -11.51 -1.45 26.65
CA VAL A 205 -10.36 -1.82 25.82
C VAL A 205 -10.61 -3.22 25.28
N PRO A 206 -10.81 -3.38 23.97
CA PRO A 206 -11.09 -4.72 23.42
C PRO A 206 -10.00 -5.72 23.78
N PRO A 207 -10.34 -7.01 23.88
CA PRO A 207 -9.36 -8.01 24.34
C PRO A 207 -8.11 -8.07 23.48
N LEU A 208 -8.20 -7.91 22.14
CA LEU A 208 -6.96 -7.96 21.35
C LEU A 208 -6.05 -6.77 21.68
N HIS A 209 -6.62 -5.61 22.03
CA HIS A 209 -5.78 -4.50 22.51
C HIS A 209 -5.25 -4.76 23.93
N ILE A 210 -6.03 -5.41 24.80
CA ILE A 210 -5.48 -5.81 26.11
C ILE A 210 -4.28 -6.71 25.92
N ASP A 211 -4.38 -7.63 24.97
CA ASP A 211 -3.23 -8.47 24.64
C ASP A 211 -1.99 -7.64 24.29
N SER A 212 -2.15 -6.58 23.49
CA SER A 212 -1.00 -5.73 23.16
C SER A 212 -0.39 -5.04 24.37
N ILE A 213 -1.20 -4.72 25.38
CA ILE A 213 -0.67 -4.15 26.60
C ILE A 213 0.11 -5.21 27.39
N LEU A 214 -0.44 -6.42 27.49
CA LEU A 214 0.11 -7.44 28.40
C LEU A 214 1.26 -8.20 27.77
N TRP A 215 1.10 -8.63 26.52
CA TRP A 215 1.99 -9.67 26.00
C TRP A 215 3.43 -9.19 25.82
N PRO A 216 3.69 -8.01 25.22
CA PRO A 216 5.08 -7.52 25.20
C PRO A 216 5.68 -7.36 26.58
N LEU A 217 4.92 -6.82 27.56
CA LEU A 217 5.45 -6.64 28.90
C LEU A 217 5.80 -7.99 29.53
N LEU A 218 4.94 -9.01 29.33
CA LEU A 218 5.20 -10.32 29.92
C LEU A 218 6.44 -10.97 29.32
N GLY A 219 6.80 -10.60 28.10
CA GLY A 219 8.06 -11.00 27.51
C GLY A 219 9.29 -10.18 27.92
N GLY A 220 9.09 -9.12 28.70
CA GLY A 220 10.17 -8.27 29.16
C GLY A 220 10.46 -7.00 28.38
N ALA A 221 9.53 -6.54 27.54
CA ALA A 221 9.74 -5.29 26.84
C ALA A 221 9.86 -4.14 27.83
N SER A 222 10.69 -3.17 27.47
CA SER A 222 10.90 -2.00 28.30
C SER A 222 9.77 -1.01 28.09
N ILE A 223 9.32 -0.39 29.19
CA ILE A 223 8.33 0.67 29.09
C ILE A 223 8.97 2.05 29.05
N ASP A 224 10.31 2.13 29.06
CA ASP A 224 10.98 3.41 29.31
C ASP A 224 10.91 4.37 28.12
N SER A 225 10.52 3.90 26.93
CA SER A 225 10.26 4.79 25.80
C SER A 225 8.86 5.39 25.80
N ALA A 226 7.98 5.00 26.71
CA ALA A 226 6.67 5.60 26.77
C ALA A 226 6.74 7.00 27.37
N PRO A 227 5.88 7.91 26.92
CA PRO A 227 5.83 9.23 27.54
C PRO A 227 5.44 9.12 29.00
N PRO A 228 5.88 10.07 29.82
CA PRO A 228 5.72 9.92 31.29
C PRO A 228 4.33 9.52 31.78
N GLU A 229 3.26 10.19 31.32
CA GLU A 229 1.92 9.85 31.78
C GLU A 229 1.62 8.37 31.56
N LEU A 230 1.90 7.87 30.34
CA LEU A 230 1.68 6.46 30.03
C LEU A 230 2.62 5.56 30.83
N ARG A 231 3.90 5.92 30.89
CA ARG A 231 4.88 5.10 31.58
C ARG A 231 4.48 4.87 33.03
N ASP A 232 3.99 5.91 33.71
CA ASP A 232 3.55 5.73 35.09
C ASP A 232 2.42 4.72 35.19
N LYS A 233 1.51 4.71 34.20
CA LYS A 233 0.44 3.73 34.24
C LYS A 233 0.98 2.34 33.96
N LEU A 234 1.88 2.22 32.98
CA LEU A 234 2.47 0.91 32.73
C LEU A 234 3.20 0.39 33.97
N ALA A 235 3.90 1.27 34.72
CA ALA A 235 4.59 0.78 35.89
C ALA A 235 3.62 0.25 36.94
N GLU A 236 2.47 0.91 37.11
CA GLU A 236 1.49 0.39 38.05
C GLU A 236 0.96 -0.97 37.63
N LEU A 237 0.78 -1.17 36.31
CA LEU A 237 0.35 -2.48 35.82
C LEU A 237 1.41 -3.54 36.07
N ILE A 238 2.67 -3.20 35.81
CA ILE A 238 3.74 -4.18 36.01
C ILE A 238 3.79 -4.62 37.46
N LYS A 239 3.62 -3.70 38.41
CA LYS A 239 3.66 -4.12 39.80
C LYS A 239 2.51 -5.08 40.11
N ILE A 240 1.41 -4.98 39.35
CA ILE A 240 0.26 -5.86 39.53
C ILE A 240 0.52 -7.24 38.95
N ILE A 241 1.07 -7.31 37.74
CA ILE A 241 1.11 -8.59 37.01
C ILE A 241 2.40 -9.37 37.25
N ARG A 242 3.40 -8.79 37.91
CA ARG A 242 4.72 -9.41 37.96
C ARG A 242 4.82 -10.51 39.04
N GLY B 1 3.07 -9.06 -31.90
CA GLY B 1 4.47 -9.12 -32.30
C GLY B 1 5.36 -8.03 -31.73
N SER B 2 6.30 -8.44 -30.86
CA SER B 2 7.27 -7.51 -30.31
C SER B 2 8.12 -6.85 -31.39
N HIS B 3 8.55 -7.62 -32.40
CA HIS B 3 9.32 -7.01 -33.49
C HIS B 3 8.45 -6.03 -34.24
N MET B 4 7.20 -6.43 -34.53
CA MET B 4 6.30 -5.50 -35.17
C MET B 4 6.10 -4.28 -34.31
N ILE B 5 5.95 -4.48 -33.01
CA ILE B 5 5.59 -3.34 -32.20
C ILE B 5 6.77 -2.41 -32.02
N ALA B 6 7.97 -2.96 -31.84
CA ALA B 6 9.15 -2.10 -31.79
C ALA B 6 9.35 -1.34 -33.10
N ARG B 7 9.05 -2.00 -34.24
CA ARG B 7 9.20 -1.35 -35.54
C ARG B 7 8.24 -0.20 -35.70
N ILE B 8 6.96 -0.42 -35.39
CA ILE B 8 6.00 0.66 -35.59
C ILE B 8 6.20 1.76 -34.54
N ILE B 9 6.57 1.41 -33.31
CA ILE B 9 6.86 2.47 -32.34
C ILE B 9 8.04 3.33 -32.82
N GLY B 10 9.05 2.68 -33.43
CA GLY B 10 10.15 3.47 -33.96
C GLY B 10 9.71 4.41 -35.08
N GLU B 11 8.79 3.97 -35.93
CA GLU B 11 8.31 4.86 -36.99
C GLU B 11 7.42 5.96 -36.46
N ILE B 12 6.65 5.68 -35.40
CA ILE B 12 5.86 6.74 -34.79
C ILE B 12 6.78 7.77 -34.14
N GLY B 13 7.77 7.30 -33.35
CA GLY B 13 8.81 8.18 -32.87
C GLY B 13 8.38 9.05 -31.69
N ILE B 14 9.35 9.78 -31.13
CA ILE B 14 8.99 10.79 -30.12
C ILE B 14 8.02 11.80 -30.70
N GLU B 15 8.22 12.16 -31.98
CA GLU B 15 7.35 13.16 -32.62
C GLU B 15 5.90 12.68 -32.61
N GLY B 16 5.69 11.41 -32.96
CA GLY B 16 4.35 10.87 -32.96
C GLY B 16 3.79 10.75 -31.54
N ALA B 17 4.63 10.32 -30.59
CA ALA B 17 4.17 10.23 -29.21
C ALA B 17 3.75 11.60 -28.69
N ARG B 18 4.55 12.64 -29.00
CA ARG B 18 4.20 13.98 -28.54
C ARG B 18 2.89 14.42 -29.17
N PHE B 19 2.69 14.11 -30.45
CA PHE B 19 1.40 14.45 -31.05
C PHE B 19 0.25 13.79 -30.32
N ILE B 20 0.38 12.50 -30.02
CA ILE B 20 -0.68 11.81 -29.30
C ILE B 20 -0.91 12.44 -27.93
N GLU B 21 0.17 12.71 -27.18
CA GLU B 21 0.04 13.35 -25.85
C GLU B 21 -0.80 14.63 -25.92
N GLU B 22 -0.50 15.47 -26.89
CA GLU B 22 -1.02 16.83 -26.90
C GLU B 22 -2.29 16.96 -27.71
N ASN B 23 -2.66 15.95 -28.50
CA ASN B 23 -3.84 16.09 -29.34
C ASN B 23 -4.85 14.98 -29.20
N ILE B 24 -4.50 13.81 -28.67
CA ILE B 24 -5.39 12.69 -28.57
C ILE B 24 -5.70 12.30 -27.11
N ASP B 25 -4.69 12.35 -26.22
CA ASP B 25 -4.89 11.93 -24.80
C ASP B 25 -5.81 12.89 -24.07
N GLU B 26 -6.99 12.39 -23.68
CA GLU B 26 -7.94 13.22 -22.96
C GLU B 26 -7.31 13.80 -21.71
N GLN B 27 -6.35 13.08 -21.07
CA GLN B 27 -5.75 13.61 -19.85
C GLN B 27 -5.02 14.92 -20.10
N PHE B 28 -4.36 15.08 -21.25
CA PHE B 28 -3.70 16.35 -21.56
C PHE B 28 -4.73 17.47 -21.78
N LYS B 29 -5.83 17.12 -22.45
CA LYS B 29 -6.90 18.08 -22.72
C LYS B 29 -7.46 18.59 -21.39
N ALA B 30 -7.61 17.68 -20.44
CA ALA B 30 -8.14 18.07 -19.13
C ALA B 30 -7.18 19.01 -18.43
N LEU B 31 -5.89 18.69 -18.47
CA LEU B 31 -4.91 19.58 -17.86
C LEU B 31 -4.90 20.94 -18.56
N ARG B 32 -4.98 20.98 -19.91
CA ARG B 32 -4.99 22.27 -20.58
C ARG B 32 -6.16 23.11 -20.09
N TYR B 33 -7.33 22.48 -19.93
CA TYR B 33 -8.50 23.19 -19.38
C TYR B 33 -8.21 23.73 -17.97
N LEU B 34 -7.69 22.88 -17.08
CA LEU B 34 -7.43 23.32 -15.71
C LEU B 34 -6.42 24.45 -15.66
N SER B 35 -5.43 24.43 -16.56
CA SER B 35 -4.35 25.42 -16.52
C SER B 35 -4.85 26.85 -16.63
N LYS B 36 -6.07 27.08 -17.15
CA LYS B 36 -6.58 28.43 -17.30
C LYS B 36 -7.43 28.85 -16.09
N GLY B 37 -7.58 27.96 -15.12
CA GLY B 37 -8.46 28.26 -13.99
C GLY B 37 -7.80 28.23 -12.62
N ILE B 38 -6.46 28.18 -12.58
CA ILE B 38 -5.72 28.11 -11.31
C ILE B 38 -4.29 28.53 -11.62
N ASP B 39 -3.61 29.07 -10.61
CA ASP B 39 -2.26 29.58 -10.89
C ASP B 39 -1.31 28.42 -11.28
N SER B 40 -0.26 28.77 -12.04
CA SER B 40 0.57 27.72 -12.65
CA SER B 40 0.59 27.74 -12.65
C SER B 40 1.31 26.89 -11.61
N GLU B 41 1.73 27.49 -10.49
CA GLU B 41 2.47 26.70 -9.50
C GLU B 41 1.55 25.70 -8.82
N THR B 42 0.38 26.17 -8.40
CA THR B 42 -0.61 25.28 -7.81
C THR B 42 -1.03 24.20 -8.80
N PHE B 43 -1.20 24.58 -10.07
CA PHE B 43 -1.53 23.62 -11.14
C PHE B 43 -0.56 22.46 -11.14
N VAL B 44 0.74 22.76 -11.17
CA VAL B 44 1.72 21.68 -11.29
C VAL B 44 1.75 20.84 -10.03
N LYS B 45 1.68 21.49 -8.86
CA LYS B 45 1.61 20.73 -7.61
C LYS B 45 0.41 19.78 -7.58
N LEU B 46 -0.77 20.28 -7.97
CA LEU B 46 -1.97 19.46 -8.00
C LEU B 46 -1.84 18.29 -8.97
N VAL B 47 -1.19 18.51 -10.12
CA VAL B 47 -1.05 17.43 -11.09
C VAL B 47 -0.18 16.30 -10.50
N ILE B 48 0.94 16.66 -9.87
CA ILE B 48 1.76 15.62 -9.23
C ILE B 48 0.95 14.89 -8.17
N ALA B 49 0.34 15.66 -7.25
CA ALA B 49 -0.43 15.03 -6.19
C ALA B 49 -1.51 14.11 -6.77
N ASN B 50 -2.19 14.56 -7.83
CA ASN B 50 -3.25 13.74 -8.42
C ASN B 50 -2.69 12.43 -8.98
N SER B 51 -1.53 12.52 -9.65
CA SER B 51 -0.91 11.30 -10.20
CA SER B 51 -0.94 11.30 -10.20
C SER B 51 -0.62 10.28 -9.11
N LEU B 52 -0.15 10.75 -7.95
CA LEU B 52 0.21 9.84 -6.86
C LEU B 52 -0.99 9.14 -6.23
N VAL B 53 -2.23 9.61 -6.49
CA VAL B 53 -3.42 8.95 -5.98
C VAL B 53 -4.28 8.39 -7.09
N SER B 54 -3.73 8.31 -8.32
CA SER B 54 -4.49 7.78 -9.46
C SER B 54 -4.33 6.26 -9.54
N TYR B 55 -4.91 5.54 -8.56
CA TYR B 55 -4.89 4.08 -8.57
C TYR B 55 -6.12 3.61 -7.79
N GLN B 56 -6.50 2.34 -8.00
CA GLN B 56 -7.71 1.79 -7.37
C GLN B 56 -8.90 2.73 -7.57
N LEU B 57 -9.09 3.13 -8.81
CA LEU B 57 -10.17 4.02 -9.18
C LEU B 57 -11.44 3.26 -9.53
N THR B 58 -12.56 3.98 -9.49
CA THR B 58 -13.86 3.42 -9.85
C THR B 58 -14.41 4.03 -11.14
N GLY B 59 -13.54 4.58 -11.99
CA GLY B 59 -13.85 4.88 -13.37
C GLY B 59 -12.61 4.70 -14.22
N LYS B 60 -12.74 5.00 -15.51
CA LYS B 60 -11.58 5.02 -16.39
C LYS B 60 -10.70 6.22 -16.04
N GLY B 61 -9.40 6.05 -16.25
CA GLY B 61 -8.49 7.14 -15.93
C GLY B 61 -8.87 8.44 -16.62
N GLU B 62 -9.27 8.38 -17.89
CA GLU B 62 -9.64 9.60 -18.61
C GLU B 62 -10.80 10.33 -17.93
N GLN B 63 -11.83 9.59 -17.48
CA GLN B 63 -12.92 10.23 -16.74
C GLN B 63 -12.42 10.89 -15.47
N TRP B 64 -11.54 10.17 -14.73
CA TRP B 64 -11.00 10.67 -13.48
C TRP B 64 -10.20 11.97 -13.68
N TRP B 65 -9.39 12.05 -14.75
CA TRP B 65 -8.58 13.25 -14.93
C TRP B 65 -9.46 14.43 -15.31
N TRP B 66 -10.54 14.18 -16.06
CA TRP B 66 -11.48 15.27 -16.32
C TRP B 66 -12.23 15.66 -15.06
N GLU B 67 -12.51 14.70 -14.16
CA GLU B 67 -13.18 15.06 -12.90
C GLU B 67 -12.27 15.97 -12.09
N PHE B 68 -11.00 15.57 -11.96
CA PHE B 68 -9.99 16.39 -11.30
C PHE B 68 -9.93 17.78 -11.88
N ALA B 69 -9.84 17.88 -13.20
CA ALA B 69 -9.68 19.20 -13.80
C ALA B 69 -10.90 20.07 -13.54
N LYS B 70 -12.09 19.49 -13.69
CA LYS B 70 -13.30 20.29 -13.49
C LYS B 70 -13.46 20.70 -12.04
N TYR B 71 -13.05 19.84 -11.13
CA TYR B 71 -13.16 20.13 -9.70
C TYR B 71 -12.26 21.30 -9.30
N PHE B 72 -11.01 21.30 -9.74
CA PHE B 72 -10.08 22.33 -9.26
C PHE B 72 -10.11 23.62 -10.06
N TYR B 73 -10.66 23.63 -11.27
CA TYR B 73 -10.82 24.89 -12.00
C TYR B 73 -11.56 25.92 -11.14
N GLY B 74 -10.93 27.08 -10.93
CA GLY B 74 -11.58 28.14 -10.14
C GLY B 74 -11.53 27.98 -8.63
N ARG B 75 -10.94 26.90 -8.11
CA ARG B 75 -10.91 26.73 -6.66
C ARG B 75 -9.70 27.43 -6.03
N ASP B 76 -9.88 27.97 -4.84
CA ASP B 76 -8.73 28.54 -4.14
C ASP B 76 -8.12 27.48 -3.25
N VAL B 77 -6.93 27.04 -3.61
CA VAL B 77 -6.21 25.97 -2.91
C VAL B 77 -5.08 26.56 -2.08
N LYS B 78 -5.07 26.25 -0.79
CA LYS B 78 -4.02 26.68 0.13
C LYS B 78 -3.12 25.54 0.57
N SER B 79 -3.71 24.42 1.00
CA SER B 79 -2.99 23.20 1.39
C SER B 79 -3.40 22.11 0.42
N ILE B 80 -2.42 21.45 -0.22
CA ILE B 80 -2.78 20.35 -1.13
C ILE B 80 -3.45 19.23 -0.35
N TYR B 81 -2.93 18.92 0.83
CA TYR B 81 -3.54 17.87 1.66
C TYR B 81 -5.00 18.18 1.99
N LEU B 82 -5.28 19.36 2.54
CA LEU B 82 -6.66 19.67 2.88
C LEU B 82 -7.55 19.70 1.64
N ALA B 83 -7.01 20.13 0.50
CA ALA B 83 -7.78 20.11 -0.74
C ALA B 83 -8.21 18.68 -1.09
N TYR B 84 -7.28 17.72 -0.97
CA TYR B 84 -7.65 16.34 -1.29
C TYR B 84 -8.48 15.68 -0.18
N LYS B 85 -8.29 16.09 1.09
CA LYS B 85 -9.14 15.57 2.15
C LYS B 85 -10.60 15.88 1.87
N GLU B 86 -10.85 17.01 1.21
CA GLU B 86 -12.21 17.39 0.86
C GLU B 86 -12.65 16.76 -0.46
N PHE B 87 -11.73 16.69 -1.42
CA PHE B 87 -12.08 16.25 -2.77
C PHE B 87 -12.39 14.76 -2.81
N LEU B 88 -11.50 13.90 -2.29
CA LEU B 88 -11.65 12.47 -2.59
C LEU B 88 -12.95 11.86 -2.06
N PRO B 89 -13.37 12.09 -0.82
CA PRO B 89 -14.61 11.45 -0.33
C PRO B 89 -15.85 11.89 -1.08
N ASN B 90 -15.76 12.96 -1.86
CA ASN B 90 -16.87 13.47 -2.63
C ASN B 90 -16.69 13.23 -4.12
N SER B 91 -15.64 12.53 -4.52
CA SER B 91 -15.39 12.29 -5.94
C SER B 91 -16.26 11.14 -6.43
N ARG B 92 -16.49 11.13 -7.75
CA ARG B 92 -17.20 10.03 -8.38
C ARG B 92 -16.27 8.85 -8.62
N PHE B 93 -15.02 9.13 -8.98
CA PHE B 93 -14.17 8.10 -9.54
C PHE B 93 -13.02 7.69 -8.64
N ASN B 94 -12.88 8.29 -7.45
CA ASN B 94 -11.75 7.96 -6.59
C ASN B 94 -12.28 7.81 -5.17
N ARG B 95 -12.82 6.64 -4.88
CA ARG B 95 -13.56 6.48 -3.65
C ARG B 95 -12.93 5.51 -2.67
N ARG B 96 -11.90 4.73 -3.08
CA ARG B 96 -11.31 3.68 -2.25
C ARG B 96 -9.90 4.07 -1.80
N LEU B 97 -9.49 3.46 -0.66
CA LEU B 97 -8.12 3.64 -0.15
C LEU B 97 -7.82 5.10 0.12
N ILE B 98 -8.84 5.83 0.59
CA ILE B 98 -8.67 7.27 0.78
C ILE B 98 -7.64 7.62 1.85
N PRO B 99 -7.65 7.02 3.07
CA PRO B 99 -6.59 7.36 4.01
C PRO B 99 -5.20 7.07 3.47
N GLN B 100 -5.05 5.96 2.72
CA GLN B 100 -3.74 5.62 2.14
C GLN B 100 -3.29 6.71 1.15
N LYS B 101 -4.23 7.18 0.34
CA LYS B 101 -3.94 8.20 -0.65
C LYS B 101 -3.59 9.53 0.03
N LEU B 102 -4.36 9.91 1.03
CA LEU B 102 -4.08 11.15 1.74
C LEU B 102 -2.73 11.10 2.42
N SER B 103 -2.33 9.93 2.92
CA SER B 103 -1.05 9.82 3.59
C SER B 103 0.08 10.08 2.62
N ARG B 104 -0.08 9.61 1.38
CA ARG B 104 0.92 9.89 0.36
C ARG B 104 1.00 11.38 0.06
N ILE B 105 -0.15 12.04 -0.06
CA ILE B 105 -0.11 13.47 -0.30
C ILE B 105 0.55 14.19 0.87
N ARG B 106 0.24 13.78 2.11
CA ARG B 106 0.87 14.47 3.23
C ARG B 106 2.39 14.33 3.17
N ARG B 107 2.89 13.16 2.74
CA ARG B 107 4.33 12.91 2.70
CA ARG B 107 4.33 12.95 2.74
C ARG B 107 5.04 13.76 1.67
N VAL B 108 4.37 14.10 0.55
CA VAL B 108 5.02 14.84 -0.52
C VAL B 108 4.74 16.34 -0.44
N GLU B 109 3.94 16.80 0.52
CA GLU B 109 3.54 18.23 0.56
C GLU B 109 4.74 19.16 0.65
N THR B 110 5.71 18.83 1.50
CA THR B 110 6.87 19.69 1.68
C THR B 110 7.64 19.81 0.39
N PHE B 111 7.84 18.69 -0.31
CA PHE B 111 8.45 18.75 -1.62
C PHE B 111 7.63 19.58 -2.59
N LEU B 112 6.32 19.36 -2.65
CA LEU B 112 5.51 20.16 -3.58
C LEU B 112 5.65 21.65 -3.30
N SER B 113 5.85 22.05 -2.03
CA SER B 113 5.97 23.47 -1.71
C SER B 113 7.24 24.12 -2.28
N THR B 114 8.20 23.33 -2.77
CA THR B 114 9.39 23.92 -3.36
C THR B 114 9.19 24.28 -4.83
N LEU B 115 8.04 23.92 -5.41
CA LEU B 115 7.83 24.07 -6.86
C LEU B 115 7.34 25.48 -7.20
N THR B 116 8.28 26.42 -7.13
CA THR B 116 8.09 27.72 -7.73
C THR B 116 8.13 27.60 -9.26
N GLU B 117 7.64 28.64 -9.94
CA GLU B 117 7.74 28.58 -11.39
C GLU B 117 9.18 28.36 -11.86
N GLU B 118 10.16 29.00 -11.20
CA GLU B 118 11.56 28.80 -11.59
C GLU B 118 12.02 27.36 -11.33
N ARG B 119 11.60 26.80 -10.21
CA ARG B 119 11.99 25.42 -9.90
C ARG B 119 11.31 24.43 -10.86
N ILE B 120 10.06 24.71 -11.26
CA ILE B 120 9.37 23.89 -12.27
C ILE B 120 10.16 23.87 -13.59
N GLU B 121 10.59 25.05 -14.07
CA GLU B 121 11.43 25.14 -15.26
C GLU B 121 12.68 24.27 -15.12
N GLU B 122 13.35 24.35 -13.97
CA GLU B 122 14.58 23.59 -13.77
C GLU B 122 14.30 22.09 -13.80
N TYR B 123 13.22 21.64 -13.12
CA TYR B 123 12.90 20.20 -13.13
C TYR B 123 12.46 19.72 -14.50
N TYR B 124 11.81 20.58 -15.31
CA TYR B 124 11.43 20.07 -16.63
C TYR B 124 12.65 19.88 -17.50
N GLY B 125 13.74 20.65 -17.23
CA GLY B 125 14.97 20.39 -17.94
C GLY B 125 15.83 19.31 -17.33
N ASP B 126 15.40 18.72 -16.21
CA ASP B 126 16.15 17.65 -15.54
C ASP B 126 15.15 16.73 -14.83
N MET B 127 14.36 15.99 -15.63
CA MET B 127 13.26 15.27 -15.02
C MET B 127 13.74 14.08 -14.19
N SER B 128 14.95 13.59 -14.45
CA SER B 128 15.50 12.54 -13.59
C SER B 128 15.71 13.01 -12.17
N SER B 129 16.07 14.29 -11.97
CA SER B 129 16.21 14.81 -10.62
CA SER B 129 16.21 14.76 -10.61
C SER B 129 14.86 14.88 -9.92
N LEU B 130 13.81 15.29 -10.65
CA LEU B 130 12.45 15.31 -10.10
C LEU B 130 12.02 13.90 -9.73
N TRP B 131 12.35 12.95 -10.59
CA TRP B 131 12.02 11.55 -10.35
C TRP B 131 12.55 11.05 -9.01
N GLY B 132 13.83 11.27 -8.74
CA GLY B 132 14.39 10.85 -7.46
C GLY B 132 13.84 11.63 -6.28
N SER B 133 13.55 12.93 -6.48
CA SER B 133 13.02 13.73 -5.38
C SER B 133 11.66 13.23 -4.95
N ILE B 134 10.81 12.89 -5.94
CA ILE B 134 9.48 12.39 -5.61
C ILE B 134 9.58 11.06 -4.88
N ALA B 135 10.44 10.15 -5.39
CA ALA B 135 10.57 8.84 -4.75
C ALA B 135 11.05 8.97 -3.31
N ARG B 136 12.02 9.86 -3.09
CA ARG B 136 12.56 10.02 -1.75
C ARG B 136 11.55 10.65 -0.81
N ALA B 137 10.74 11.58 -1.32
CA ALA B 137 9.73 12.21 -0.48
C ALA B 137 8.67 11.20 -0.03
N LEU B 138 8.28 10.28 -0.92
CA LEU B 138 7.34 9.22 -0.59
C LEU B 138 7.98 8.06 0.18
N GLY B 139 9.29 7.86 0.07
CA GLY B 139 9.92 6.73 0.75
C GLY B 139 9.81 5.40 0.04
N VAL B 140 9.59 5.40 -1.27
CA VAL B 140 9.31 4.20 -2.04
C VAL B 140 10.33 4.10 -3.16
N ASP B 141 10.38 2.91 -3.78
CA ASP B 141 11.25 2.68 -4.92
CA ASP B 141 11.26 2.69 -4.92
C ASP B 141 10.85 3.59 -6.09
N LYS B 142 11.86 4.16 -6.76
CA LYS B 142 11.55 5.08 -7.85
C LYS B 142 10.88 4.40 -9.02
N GLU B 143 11.07 3.08 -9.21
CA GLU B 143 10.43 2.44 -10.36
C GLU B 143 8.94 2.17 -10.15
N SER B 144 8.39 2.50 -8.99
CA SER B 144 6.99 2.27 -8.65
C SER B 144 6.07 2.95 -9.68
N LYS B 145 4.94 2.30 -10.03
CA LYS B 145 4.17 2.79 -11.17
C LYS B 145 3.65 4.22 -10.97
N THR B 146 3.17 4.57 -9.77
CA THR B 146 2.65 5.94 -9.64
C THR B 146 3.77 6.97 -9.64
N VAL B 147 4.97 6.59 -9.22
CA VAL B 147 6.07 7.55 -9.24
C VAL B 147 6.50 7.84 -10.67
N VAL B 148 6.72 6.80 -11.49
CA VAL B 148 7.09 7.14 -12.86
C VAL B 148 5.95 7.84 -13.60
N PHE B 149 4.69 7.47 -13.30
CA PHE B 149 3.55 8.16 -13.88
C PHE B 149 3.53 9.63 -13.47
N SER B 150 3.84 9.94 -12.19
CA SER B 150 3.87 11.33 -11.77
C SER B 150 4.90 12.17 -12.52
N VAL B 151 6.01 11.56 -12.96
CA VAL B 151 6.95 12.30 -13.82
C VAL B 151 6.33 12.59 -15.19
N LYS B 152 5.65 11.59 -15.78
CA LYS B 152 4.96 11.83 -17.06
C LYS B 152 3.95 12.97 -16.93
N MET B 153 3.15 12.95 -15.86
CA MET B 153 2.10 13.97 -15.75
C MET B 153 2.69 15.33 -15.39
N PHE B 154 3.77 15.36 -14.62
CA PHE B 154 4.53 16.58 -14.49
C PHE B 154 4.94 17.12 -15.85
N GLY B 155 5.41 16.25 -16.74
CA GLY B 155 5.81 16.72 -18.06
C GLY B 155 4.65 17.25 -18.88
N TYR B 156 3.46 16.69 -18.69
CA TYR B 156 2.29 17.29 -19.33
C TYR B 156 2.05 18.70 -18.78
N ALA B 157 2.00 18.82 -17.45
CA ALA B 157 1.67 20.11 -16.86
C ALA B 157 2.75 21.15 -17.13
N ALA B 158 4.00 20.74 -17.03
CA ALA B 158 5.10 21.68 -17.20
C ALA B 158 5.17 22.20 -18.65
N ARG B 159 4.91 21.33 -19.66
CA ARG B 159 5.01 21.85 -21.02
C ARG B 159 3.89 22.85 -21.29
N ILE B 160 2.74 22.66 -20.66
CA ILE B 160 1.63 23.62 -20.78
C ILE B 160 2.02 24.95 -20.18
N VAL B 161 2.54 24.94 -18.94
CA VAL B 161 2.97 26.16 -18.26
C VAL B 161 4.10 26.85 -19.03
N LEU B 162 5.09 26.08 -19.44
CA LEU B 162 6.34 26.65 -19.93
C LEU B 162 6.35 26.92 -21.42
N SER B 163 5.37 26.40 -22.17
CA SER B 163 5.31 26.54 -23.62
C SER B 163 6.59 26.06 -24.30
N THR B 164 7.08 24.90 -23.84
CA THR B 164 8.25 24.25 -24.41
C THR B 164 8.14 22.74 -24.16
N PHE B 165 8.93 21.95 -24.89
CA PHE B 165 8.87 20.49 -24.79
C PHE B 165 10.27 19.96 -24.56
N ASN B 166 10.40 19.09 -23.56
CA ASN B 166 11.58 18.28 -23.33
C ASN B 166 11.16 16.81 -23.34
N PRO B 167 11.87 15.93 -24.04
CA PRO B 167 11.49 14.51 -23.97
C PRO B 167 11.74 13.91 -22.59
N TYR B 168 10.91 12.92 -22.25
CA TYR B 168 11.15 12.14 -21.02
C TYR B 168 12.50 11.44 -21.10
N PRO B 169 13.25 11.36 -20.01
CA PRO B 169 14.52 10.61 -20.02
C PRO B 169 14.30 9.16 -20.39
N MET B 170 15.26 8.61 -21.17
CA MET B 170 15.16 7.20 -21.53
C MET B 170 15.21 6.28 -20.32
N GLU B 171 15.84 6.72 -19.22
CA GLU B 171 16.06 5.83 -18.07
C GLU B 171 14.83 5.61 -17.19
N ILE B 172 13.76 6.38 -17.36
CA ILE B 172 12.56 6.25 -16.54
C ILE B 172 11.67 5.18 -17.18
N PRO B 173 11.35 4.11 -16.48
CA PRO B 173 10.63 2.99 -17.10
C PRO B 173 9.13 3.24 -17.14
N ILE B 174 8.43 2.29 -17.78
CA ILE B 174 7.03 2.51 -18.17
C ILE B 174 6.16 2.32 -16.91
N PRO B 175 5.02 3.02 -16.76
CA PRO B 175 4.19 2.78 -15.57
C PRO B 175 3.38 1.51 -15.76
N GLU B 176 3.61 0.51 -14.89
CA GLU B 176 3.00 -0.82 -15.07
C GLU B 176 1.62 -0.89 -14.43
N ASP B 177 0.66 -0.24 -15.10
CA ASP B 177 -0.74 -0.30 -14.76
C ASP B 177 -1.39 -1.48 -15.45
N SER B 178 -2.70 -1.66 -15.19
CA SER B 178 -3.42 -2.76 -15.80
C SER B 178 -3.34 -2.77 -17.32
N ARG B 179 -3.50 -1.59 -17.97
CA ARG B 179 -3.49 -1.58 -19.44
C ARG B 179 -2.15 -2.05 -19.97
N ILE B 180 -1.06 -1.51 -19.40
CA ILE B 180 0.27 -1.85 -19.89
C ILE B 180 0.56 -3.33 -19.62
N VAL B 181 0.25 -3.80 -18.40
CA VAL B 181 0.56 -5.19 -18.07
C VAL B 181 -0.22 -6.16 -18.95
N LYS B 182 -1.50 -5.88 -19.19
CA LYS B 182 -2.31 -6.82 -19.97
C LYS B 182 -1.81 -6.94 -21.39
N LEU B 183 -1.38 -5.82 -21.97
CA LEU B 183 -0.84 -5.86 -23.32
C LEU B 183 0.49 -6.61 -23.35
N THR B 184 1.33 -6.36 -22.34
CA THR B 184 2.66 -6.96 -22.33
C THR B 184 2.53 -8.47 -22.31
N LYS B 185 1.58 -8.99 -21.53
CA LYS B 185 1.38 -10.43 -21.48
C LYS B 185 0.97 -11.02 -22.83
N LYS B 186 0.31 -10.23 -23.69
CA LYS B 186 0.05 -10.73 -25.04
C LYS B 186 1.35 -10.86 -25.84
N LEU B 187 2.30 -9.96 -25.60
CA LEU B 187 3.52 -9.86 -26.41
C LEU B 187 4.65 -10.74 -25.91
N THR B 188 4.71 -11.04 -24.61
CA THR B 188 5.89 -11.65 -24.01
C THR B 188 5.56 -12.10 -22.60
N ASN B 189 6.39 -12.99 -22.08
CA ASN B 189 6.33 -13.34 -20.67
C ASN B 189 7.37 -12.60 -19.85
N GLU B 190 8.16 -11.73 -20.49
CA GLU B 190 9.11 -10.91 -19.75
C GLU B 190 8.35 -9.92 -18.86
N LYS B 191 8.97 -9.57 -17.73
CA LYS B 191 8.45 -8.50 -16.90
C LYS B 191 8.35 -7.21 -17.70
N PRO B 192 7.25 -6.45 -17.59
CA PRO B 192 7.06 -5.30 -18.48
C PRO B 192 8.17 -4.26 -18.38
N ARG B 193 8.72 -4.08 -17.18
CA ARG B 193 9.76 -3.08 -16.94
C ARG B 193 10.90 -3.26 -17.94
N LYS B 194 11.44 -4.47 -17.99
CA LYS B 194 12.61 -4.76 -18.80
C LYS B 194 12.23 -4.83 -20.28
N PHE B 195 11.07 -5.41 -20.59
CA PHE B 195 10.65 -5.53 -21.99
C PHE B 195 10.53 -4.16 -22.62
N TRP B 196 9.87 -3.22 -21.94
CA TRP B 196 9.65 -1.95 -22.63
C TRP B 196 10.89 -1.08 -22.61
N MET B 197 11.83 -1.33 -21.70
CA MET B 197 13.08 -0.60 -21.76
C MET B 197 13.88 -1.04 -22.97
N LYS B 198 13.84 -2.33 -23.29
CA LYS B 198 14.46 -2.82 -24.51
C LYS B 198 13.80 -2.20 -25.73
N ILE B 199 12.45 -2.19 -25.78
CA ILE B 199 11.77 -1.59 -26.93
C ILE B 199 12.14 -0.12 -27.07
N ALA B 200 12.19 0.60 -25.93
CA ALA B 200 12.58 2.01 -25.95
C ALA B 200 13.98 2.20 -26.52
N ARG B 201 14.93 1.36 -26.10
CA ARG B 201 16.26 1.51 -26.65
C ARG B 201 16.29 1.18 -28.14
N GLU B 202 15.57 0.11 -28.56
CA GLU B 202 15.58 -0.26 -29.98
C GLU B 202 14.95 0.84 -30.83
N SER B 203 13.90 1.43 -30.34
CA SER B 203 13.08 2.37 -31.11
C SER B 203 13.52 3.82 -30.96
N GLY B 204 14.31 4.14 -29.92
CA GLY B 204 14.62 5.54 -29.63
C GLY B 204 13.51 6.33 -28.94
N VAL B 205 12.46 5.66 -28.49
CA VAL B 205 11.32 6.33 -27.86
C VAL B 205 11.36 5.99 -26.38
N PRO B 206 11.59 6.98 -25.49
CA PRO B 206 11.64 6.70 -24.02
C PRO B 206 10.39 6.00 -23.54
N PRO B 207 10.48 5.19 -22.48
CA PRO B 207 9.31 4.40 -22.04
C PRO B 207 8.08 5.24 -21.68
N LEU B 208 8.25 6.43 -21.10
CA LEU B 208 7.05 7.24 -20.80
C LEU B 208 6.38 7.77 -22.07
N HIS B 209 7.14 7.99 -23.16
CA HIS B 209 6.50 8.32 -24.42
C HIS B 209 5.87 7.08 -25.05
N ILE B 210 6.49 5.90 -24.89
CA ILE B 210 5.82 4.67 -25.30
C ILE B 210 4.46 4.54 -24.59
N ASP B 211 4.40 4.87 -23.28
CA ASP B 211 3.14 4.81 -22.57
C ASP B 211 2.09 5.69 -23.25
N SER B 212 2.51 6.88 -23.68
CA SER B 212 1.60 7.78 -24.37
C SER B 212 1.09 7.24 -25.70
N ILE B 213 1.90 6.49 -26.42
CA ILE B 213 1.41 5.88 -27.64
C ILE B 213 0.39 4.80 -27.34
N LEU B 214 0.67 3.94 -26.33
CA LEU B 214 -0.17 2.78 -26.11
C LEU B 214 -1.41 3.08 -25.25
N TRP B 215 -1.22 3.80 -24.15
CA TRP B 215 -2.24 3.81 -23.09
C TRP B 215 -3.54 4.46 -23.58
N PRO B 216 -3.52 5.61 -24.26
CA PRO B 216 -4.78 6.14 -24.81
C PRO B 216 -5.45 5.21 -25.82
N LEU B 217 -4.66 4.58 -26.71
CA LEU B 217 -5.19 3.65 -27.70
C LEU B 217 -5.80 2.41 -27.04
N LEU B 218 -5.15 1.88 -26.01
CA LEU B 218 -5.70 0.71 -25.32
C LEU B 218 -7.02 1.03 -24.64
N GLY B 219 -7.21 2.28 -24.23
CA GLY B 219 -8.47 2.71 -23.66
C GLY B 219 -9.56 3.04 -24.66
N GLY B 220 -9.27 2.92 -25.95
CA GLY B 220 -10.27 3.11 -26.99
C GLY B 220 -10.25 4.46 -27.69
N ALA B 221 -9.19 5.25 -27.52
CA ALA B 221 -9.16 6.58 -28.11
C ALA B 221 -9.20 6.51 -29.62
N SER B 222 -9.90 7.46 -30.23
CA SER B 222 -9.88 7.57 -31.69
C SER B 222 -8.57 8.11 -32.21
N ILE B 223 -8.11 7.57 -33.36
CA ILE B 223 -6.90 8.07 -34.01
C ILE B 223 -7.22 9.01 -35.18
N ASP B 224 -8.46 9.48 -35.32
CA ASP B 224 -8.78 10.21 -36.56
C ASP B 224 -8.27 11.64 -36.57
N SER B 225 -7.90 12.19 -35.42
CA SER B 225 -7.34 13.53 -35.44
C SER B 225 -5.85 13.53 -35.79
N ALA B 226 -5.23 12.36 -35.95
CA ALA B 226 -3.84 12.33 -36.37
C ALA B 226 -3.73 12.71 -37.85
N PRO B 227 -2.67 13.40 -38.24
CA PRO B 227 -2.47 13.71 -39.68
C PRO B 227 -2.21 12.42 -40.44
N PRO B 228 -2.37 12.44 -41.76
CA PRO B 228 -2.50 11.15 -42.50
C PRO B 228 -1.36 10.18 -42.30
N GLU B 229 -0.11 10.65 -42.35
CA GLU B 229 1.02 9.75 -42.23
C GLU B 229 1.06 9.10 -40.87
N LEU B 230 0.84 9.89 -39.81
CA LEU B 230 0.81 9.31 -38.48
C LEU B 230 -0.39 8.41 -38.30
N ARG B 231 -1.56 8.83 -38.81
CA ARG B 231 -2.78 8.02 -38.66
C ARG B 231 -2.58 6.64 -39.25
N ASP B 232 -1.91 6.56 -40.40
CA ASP B 232 -1.64 5.25 -40.96
C ASP B 232 -0.75 4.41 -40.05
N LYS B 233 0.28 5.02 -39.45
CA LYS B 233 1.11 4.24 -38.49
C LYS B 233 0.29 3.79 -37.28
N LEU B 234 -0.57 4.67 -36.74
CA LEU B 234 -1.37 4.26 -35.59
C LEU B 234 -2.39 3.19 -35.97
N ALA B 235 -2.91 3.22 -37.21
CA ALA B 235 -3.80 2.16 -37.67
C ALA B 235 -3.04 0.84 -37.74
N GLU B 236 -1.79 0.87 -38.20
CA GLU B 236 -1.00 -0.35 -38.22
C GLU B 236 -0.72 -0.86 -36.82
N LEU B 237 -0.49 0.07 -35.86
CA LEU B 237 -0.24 -0.33 -34.47
C LEU B 237 -1.47 -0.99 -33.87
N ILE B 238 -2.64 -0.43 -34.19
CA ILE B 238 -3.89 -0.99 -33.66
C ILE B 238 -4.11 -2.41 -34.19
N LYS B 239 -3.73 -2.68 -35.45
CA LYS B 239 -3.81 -4.06 -35.93
C LYS B 239 -3.01 -5.00 -35.05
N ILE B 240 -1.93 -4.50 -34.44
CA ILE B 240 -1.07 -5.35 -33.62
C ILE B 240 -1.61 -5.48 -32.20
N ILE B 241 -2.12 -4.39 -31.62
CA ILE B 241 -2.49 -4.37 -30.20
C ILE B 241 -4.00 -4.52 -29.98
N ARG B 242 -4.77 -4.82 -31.02
CA ARG B 242 -6.20 -5.07 -30.84
C ARG B 242 -6.40 -6.44 -30.24
#